data_6ITJ
#
_entry.id   6ITJ
#
_cell.length_a   209.628
_cell.length_b   58.603
_cell.length_c   65.709
_cell.angle_alpha   90.000
_cell.angle_beta   107.490
_cell.angle_gamma   90.000
#
_symmetry.space_group_name_H-M   'C 1 2 1'
#
loop_
_entity.id
_entity.type
_entity.pdbx_description
1 polymer 'Fibroblast growth factor receptor 1'
2 non-polymer 4-azanyl-3-(3,5-dimethyl-1-benzofuran-2-yl)-2-phenyl-6~{H}-pyrazolo[3,4-d]pyridazin-7-one
3 water water
#
_entity_poly.entity_id   1
_entity_poly.type   'polypeptide(L)'
_entity_poly.pdbx_seq_one_letter_code
;AGVSEYELPEDPRWELPRDRLVLGKPLGEGAFGQVVLAEAIGLDKDKPNRVTKVAVKMLKSDATEKDLSDLISEMEMMKM
IGKHKNIINLLGACTQDGPLYVIVEYASKGNLREYLQARRPPGLEYSYNPSHNPEEQLSSKDLVSCAYQVARGMEYLASK
KCIHRDLAARNVLVTEDNVMKIADFGLARDIHHIDYYKKTTNGRLPVKWMAPEALFDRIYTHQSDVWSFGVLLWEIFTLG
GSPYPGVPVEELFKLLKEGHRMDKPSNCTNELYMMMRDCWHAVPSQRPTFKQLVEDLDRIVALTSNQE
;
_entity_poly.pdbx_strand_id   A,B
#
loop_
_chem_comp.id
_chem_comp.type
_chem_comp.name
_chem_comp.formula
AXU non-polymer 4-azanyl-3-(3,5-dimethyl-1-benzofuran-2-yl)-2-phenyl-6~{H}-pyrazolo[3,4-d]pyridazin-7-one 'C21 H17 N5 O2'
#
# COMPACT_ATOMS: atom_id res chain seq x y z
C GLU A 7 -2.05 3.86 -46.90
N LEU A 8 -2.24 3.06 -45.83
CA LEU A 8 -1.20 2.50 -44.97
C LEU A 8 -0.83 1.10 -45.43
N PRO A 9 0.45 0.76 -45.31
CA PRO A 9 0.88 -0.60 -45.67
C PRO A 9 0.39 -1.63 -44.66
N GLU A 10 -0.05 -2.77 -45.19
CA GLU A 10 -0.51 -3.86 -44.34
C GLU A 10 0.67 -4.49 -43.63
N ASP A 11 0.46 -4.85 -42.36
CA ASP A 11 1.46 -5.56 -41.58
C ASP A 11 0.74 -6.61 -40.75
N PRO A 12 0.63 -7.84 -41.26
CA PRO A 12 -0.13 -8.89 -40.55
C PRO A 12 0.47 -9.31 -39.22
N ARG A 13 1.71 -8.90 -38.92
CA ARG A 13 2.29 -9.24 -37.62
C ARG A 13 1.48 -8.60 -36.49
N TRP A 14 0.84 -7.46 -36.75
CA TRP A 14 0.24 -6.61 -35.74
C TRP A 14 -1.24 -6.27 -35.98
N GLU A 15 -1.82 -6.68 -37.11
CA GLU A 15 -3.14 -6.18 -37.45
C GLU A 15 -4.20 -6.88 -36.61
N LEU A 16 -5.16 -6.11 -36.14
CA LEU A 16 -6.34 -6.61 -35.42
C LEU A 16 -7.58 -6.20 -36.21
N PRO A 17 -8.51 -7.10 -36.51
CA PRO A 17 -9.73 -6.67 -37.20
C PRO A 17 -10.46 -5.68 -36.33
N ARG A 18 -10.92 -4.59 -36.93
CA ARG A 18 -11.39 -3.56 -36.02
C ARG A 18 -12.74 -3.87 -35.38
N ASP A 19 -13.44 -4.91 -35.83
CA ASP A 19 -14.63 -5.31 -35.10
C ASP A 19 -14.29 -6.15 -33.87
N ARG A 20 -13.00 -6.31 -33.57
CA ARG A 20 -12.60 -6.95 -32.33
C ARG A 20 -12.25 -5.93 -31.26
N LEU A 21 -12.45 -4.66 -31.54
CA LEU A 21 -12.07 -3.55 -30.67
C LEU A 21 -13.36 -2.80 -30.32
N VAL A 22 -13.75 -2.86 -29.05
CA VAL A 22 -14.93 -2.18 -28.54
C VAL A 22 -14.44 -0.90 -27.86
N LEU A 23 -14.57 0.23 -28.55
CA LEU A 23 -14.08 1.49 -28.04
C LEU A 23 -14.88 1.95 -26.83
N GLY A 24 -14.19 2.58 -25.86
CA GLY A 24 -14.74 2.99 -24.58
C GLY A 24 -14.46 4.46 -24.30
N LYS A 25 -14.28 4.76 -22.99
CA LYS A 25 -14.21 6.13 -22.52
C LYS A 25 -12.86 6.76 -22.84
N PRO A 26 -12.81 8.09 -22.99
CA PRO A 26 -11.53 8.76 -23.27
C PRO A 26 -10.55 8.65 -22.11
N LEU A 27 -9.26 8.60 -22.46
CA LEU A 27 -8.18 8.69 -21.49
C LEU A 27 -7.39 9.98 -21.58
N GLY A 28 -7.52 10.75 -22.67
CA GLY A 28 -6.78 11.98 -22.85
C GLY A 28 -6.82 12.45 -24.29
N GLU A 29 -6.88 13.77 -24.50
CA GLU A 29 -6.85 14.38 -25.82
C GLU A 29 -5.79 15.46 -25.87
N GLY A 30 -5.28 15.73 -27.07
CA GLY A 30 -4.26 16.75 -27.23
C GLY A 30 -3.69 16.76 -28.64
N ALA A 31 -2.45 17.26 -28.75
CA ALA A 31 -1.77 17.34 -30.05
C ALA A 31 -1.48 15.97 -30.64
N PHE A 32 -1.40 14.93 -29.82
CA PHE A 32 -1.18 13.56 -30.26
C PHE A 32 -2.42 12.92 -30.85
N GLY A 33 -3.54 13.61 -30.84
CA GLY A 33 -4.82 12.99 -31.17
C GLY A 33 -5.62 12.75 -29.89
N GLN A 34 -6.20 11.56 -29.77
CA GLN A 34 -6.98 11.22 -28.59
C GLN A 34 -6.77 9.75 -28.26
N VAL A 35 -6.87 9.45 -26.97
CA VAL A 35 -6.69 8.10 -26.47
C VAL A 35 -7.95 7.69 -25.73
N VAL A 36 -8.45 6.48 -26.04
CA VAL A 36 -9.61 5.93 -25.39
C VAL A 36 -9.24 4.59 -24.78
N LEU A 37 -9.92 4.23 -23.70
CA LEU A 37 -9.90 2.87 -23.21
C LEU A 37 -10.71 2.01 -24.18
N ALA A 38 -10.38 0.73 -24.25
CA ALA A 38 -11.17 -0.15 -25.11
C ALA A 38 -11.02 -1.57 -24.62
N GLU A 39 -11.88 -2.44 -25.16
CA GLU A 39 -11.84 -3.87 -24.94
C GLU A 39 -11.51 -4.51 -26.28
N ALA A 40 -10.53 -5.41 -26.27
CA ALA A 40 -10.11 -6.10 -27.47
C ALA A 40 -10.48 -7.57 -27.32
N ILE A 41 -11.28 -8.05 -28.26
CA ILE A 41 -11.77 -9.42 -28.25
C ILE A 41 -10.78 -10.29 -29.02
N GLY A 42 -10.27 -11.32 -28.38
CA GLY A 42 -9.43 -12.26 -29.09
C GLY A 42 -8.14 -11.64 -29.54
N LEU A 43 -7.45 -10.96 -28.61
CA LEU A 43 -6.12 -10.44 -28.87
C LEU A 43 -5.14 -11.60 -29.04
N ASP A 44 -4.95 -12.38 -27.99
CA ASP A 44 -4.25 -13.66 -28.11
C ASP A 44 -5.09 -14.59 -28.99
N LYS A 45 -4.50 -15.05 -30.09
CA LYS A 45 -5.20 -16.02 -30.94
C LYS A 45 -5.52 -17.30 -30.18
N ASP A 46 -4.79 -17.59 -29.09
CA ASP A 46 -5.13 -18.72 -28.24
C ASP A 46 -6.55 -18.59 -27.68
N LYS A 47 -6.81 -17.53 -26.91
CA LYS A 47 -8.13 -17.32 -26.31
C LYS A 47 -8.97 -16.35 -27.11
N PRO A 48 -9.72 -16.82 -28.12
CA PRO A 48 -10.47 -15.88 -28.98
C PRO A 48 -11.73 -15.34 -28.31
N ASN A 49 -12.09 -15.86 -27.13
CA ASN A 49 -13.28 -15.42 -26.42
C ASN A 49 -12.97 -14.60 -25.17
N ARG A 50 -11.74 -14.12 -25.01
CA ARG A 50 -11.36 -13.29 -23.86
C ARG A 50 -11.27 -11.83 -24.29
N VAL A 51 -11.74 -10.91 -23.44
CA VAL A 51 -11.56 -9.48 -23.68
C VAL A 51 -10.39 -9.02 -22.83
N THR A 52 -9.61 -8.09 -23.39
CA THR A 52 -8.50 -7.47 -22.72
C THR A 52 -8.71 -5.97 -22.78
N LYS A 53 -8.67 -5.31 -21.64
CA LYS A 53 -8.68 -3.85 -21.62
C LYS A 53 -7.37 -3.35 -22.22
N VAL A 54 -7.46 -2.38 -23.13
CA VAL A 54 -6.30 -1.81 -23.81
C VAL A 54 -6.56 -0.32 -23.97
N ALA A 55 -5.52 0.42 -24.36
CA ALA A 55 -5.66 1.84 -24.68
C ALA A 55 -5.37 2.04 -26.15
N VAL A 56 -6.12 2.92 -26.79
CA VAL A 56 -6.07 3.07 -28.23
C VAL A 56 -5.82 4.52 -28.55
N LYS A 57 -4.81 4.78 -29.39
CA LYS A 57 -4.51 6.12 -29.86
C LYS A 57 -4.94 6.25 -31.30
N MET A 58 -5.56 7.39 -31.61
CA MET A 58 -6.05 7.65 -32.94
C MET A 58 -5.92 9.15 -33.17
N LEU A 59 -6.05 9.55 -34.43
CA LEU A 59 -5.92 10.96 -34.79
C LEU A 59 -7.23 11.70 -34.57
N LYS A 60 -7.10 13.01 -34.33
CA LYS A 60 -8.25 13.92 -34.30
C LYS A 60 -8.74 14.17 -35.73
N SER A 61 -9.89 14.82 -35.83
CA SER A 61 -10.51 15.03 -37.14
C SER A 61 -9.73 16.02 -37.99
N ASP A 62 -9.36 17.16 -37.41
CA ASP A 62 -8.59 18.18 -38.12
C ASP A 62 -7.09 17.93 -38.00
N ALA A 63 -6.66 16.71 -38.32
CA ALA A 63 -5.27 16.29 -38.18
C ALA A 63 -4.60 16.25 -39.54
N THR A 64 -3.32 16.64 -39.57
CA THR A 64 -2.60 16.86 -40.82
C THR A 64 -1.89 15.59 -41.30
N GLU A 65 -1.31 15.69 -42.50
CA GLU A 65 -0.53 14.58 -43.03
C GLU A 65 0.70 14.31 -42.17
N LYS A 66 1.28 15.36 -41.58
CA LYS A 66 2.36 15.17 -40.63
C LYS A 66 1.88 14.49 -39.36
N ASP A 67 0.67 14.85 -38.89
CA ASP A 67 0.13 14.19 -37.72
C ASP A 67 0.05 12.68 -37.94
N LEU A 68 -0.41 12.26 -39.12
CA LEU A 68 -0.45 10.83 -39.45
C LEU A 68 0.96 10.25 -39.43
N SER A 69 1.92 10.94 -40.04
CA SER A 69 3.26 10.42 -40.14
C SER A 69 3.91 10.24 -38.77
N ASP A 70 3.62 11.14 -37.83
CA ASP A 70 4.17 11.00 -36.47
C ASP A 70 3.56 9.79 -35.76
N LEU A 71 2.26 9.54 -35.93
CA LEU A 71 1.64 8.41 -35.25
C LEU A 71 2.17 7.10 -35.80
N ILE A 72 2.38 7.05 -37.12
CA ILE A 72 2.94 5.87 -37.75
C ILE A 72 4.36 5.61 -37.23
N SER A 73 5.20 6.65 -37.21
CA SER A 73 6.57 6.45 -36.75
C SER A 73 6.61 6.03 -35.29
N GLU A 74 5.67 6.52 -34.48
CA GLU A 74 5.57 6.07 -33.10
C GLU A 74 5.19 4.59 -33.02
N MET A 75 4.19 4.17 -33.79
CA MET A 75 3.86 2.75 -33.85
C MET A 75 5.05 1.92 -34.35
N GLU A 76 5.72 2.40 -35.40
CA GLU A 76 6.84 1.63 -35.97
C GLU A 76 8.00 1.52 -34.99
N MET A 77 8.24 2.59 -34.22
CA MET A 77 9.29 2.55 -33.21
C MET A 77 8.99 1.51 -32.14
N MET A 78 7.73 1.42 -31.70
CA MET A 78 7.37 0.40 -30.73
C MET A 78 7.57 -1.00 -31.31
N LYS A 79 7.19 -1.22 -32.57
CA LYS A 79 7.45 -2.52 -33.20
C LYS A 79 8.92 -2.90 -33.09
N MET A 80 9.81 -1.96 -33.37
CA MET A 80 11.23 -2.28 -33.39
C MET A 80 11.78 -2.53 -31.98
N ILE A 81 11.29 -1.79 -30.99
CA ILE A 81 11.96 -1.80 -29.69
C ILE A 81 11.76 -3.11 -28.94
N GLY A 82 10.67 -3.83 -29.20
CA GLY A 82 10.44 -5.10 -28.53
C GLY A 82 9.86 -4.91 -27.13
N LYS A 83 9.56 -6.03 -26.48
CA LYS A 83 8.74 -6.01 -25.27
C LYS A 83 9.58 -5.99 -24.00
N HIS A 84 9.08 -5.29 -22.99
CA HIS A 84 9.68 -5.34 -21.66
C HIS A 84 8.61 -5.10 -20.61
N LYS A 85 8.72 -5.79 -19.48
CA LYS A 85 7.75 -5.64 -18.41
C LYS A 85 7.56 -4.19 -17.99
N ASN A 86 8.59 -3.35 -18.10
CA ASN A 86 8.53 -2.01 -17.50
C ASN A 86 8.42 -0.90 -18.54
N ILE A 87 7.90 -1.22 -19.72
CA ILE A 87 7.52 -0.20 -20.68
C ILE A 87 6.08 -0.46 -21.11
N ILE A 88 5.44 0.54 -21.72
CA ILE A 88 4.10 0.37 -22.25
C ILE A 88 4.22 -0.28 -23.62
N ASN A 89 3.76 -1.53 -23.75
CA ASN A 89 4.03 -2.34 -24.93
C ASN A 89 2.93 -2.22 -25.97
N LEU A 90 3.36 -2.18 -27.24
CA LEU A 90 2.43 -2.28 -28.36
C LEU A 90 1.76 -3.64 -28.36
N LEU A 91 0.43 -3.65 -28.60
CA LEU A 91 -0.35 -4.88 -28.67
C LEU A 91 -0.87 -5.20 -30.06
N GLY A 92 -1.10 -4.20 -30.89
CA GLY A 92 -1.69 -4.40 -32.20
C GLY A 92 -2.04 -3.06 -32.78
N ALA A 93 -2.63 -3.10 -33.97
CA ALA A 93 -3.00 -1.91 -34.72
C ALA A 93 -4.21 -2.22 -35.60
N CYS A 94 -5.03 -1.20 -35.85
CA CYS A 94 -6.04 -1.22 -36.91
C CYS A 94 -5.63 -0.21 -37.97
N THR A 95 -5.18 -0.70 -39.13
CA THR A 95 -4.63 0.16 -40.18
C THR A 95 -5.40 0.11 -41.48
N GLN A 96 -6.29 -0.84 -41.68
CA GLN A 96 -6.91 -1.03 -42.99
C GLN A 96 -8.37 -0.59 -42.93
N ASP A 97 -8.81 0.06 -44.01
CA ASP A 97 -10.21 0.41 -44.23
C ASP A 97 -10.79 1.15 -43.02
N GLY A 98 -10.16 2.26 -42.66
CA GLY A 98 -10.62 3.07 -41.55
C GLY A 98 -9.50 3.91 -40.96
N PRO A 99 -9.78 4.56 -39.84
CA PRO A 99 -8.76 5.40 -39.20
C PRO A 99 -7.72 4.55 -38.49
N LEU A 100 -6.50 5.09 -38.42
CA LEU A 100 -5.41 4.38 -37.76
C LEU A 100 -5.68 4.28 -36.26
N TYR A 101 -5.63 3.06 -35.74
CA TYR A 101 -5.72 2.81 -34.31
C TYR A 101 -4.43 2.12 -33.87
N VAL A 102 -3.74 2.70 -32.89
CA VAL A 102 -2.55 2.09 -32.31
C VAL A 102 -2.92 1.61 -30.91
N ILE A 103 -2.71 0.32 -30.65
CA ILE A 103 -3.23 -0.34 -29.44
C ILE A 103 -2.07 -0.76 -28.58
N VAL A 104 -2.10 -0.37 -27.29
CA VAL A 104 -1.03 -0.66 -26.35
C VAL A 104 -1.62 -1.09 -25.01
N GLU A 105 -0.75 -1.59 -24.13
CA GLU A 105 -1.17 -2.03 -22.81
C GLU A 105 -1.86 -0.92 -22.04
N TYR A 106 -2.90 -1.29 -21.28
CA TYR A 106 -3.61 -0.35 -20.43
C TYR A 106 -3.11 -0.48 -19.00
N ALA A 107 -2.75 0.65 -18.38
CA ALA A 107 -2.27 0.73 -17.01
C ALA A 107 -3.37 1.36 -16.17
N SER A 108 -4.05 0.55 -15.37
CA SER A 108 -5.32 1.01 -14.77
C SER A 108 -5.14 2.04 -13.68
N LYS A 109 -3.95 2.17 -13.08
CA LYS A 109 -3.79 3.08 -11.95
C LYS A 109 -3.21 4.43 -12.35
N GLY A 110 -3.15 4.75 -13.65
CA GLY A 110 -2.73 6.07 -14.08
C GLY A 110 -1.22 6.32 -13.93
N ASN A 111 -0.85 7.61 -14.01
CA ASN A 111 0.56 7.99 -14.03
C ASN A 111 1.15 8.09 -12.62
N LEU A 112 2.48 8.00 -12.56
CA LEU A 112 3.17 7.82 -11.28
C LEU A 112 3.02 9.07 -10.39
N ARG A 113 2.99 10.26 -10.98
CA ARG A 113 2.82 11.49 -10.21
C ARG A 113 1.49 11.48 -9.47
N GLU A 114 0.40 11.18 -10.17
CA GLU A 114 -0.90 11.12 -9.52
C GLU A 114 -0.93 10.01 -8.47
N TYR A 115 -0.38 8.85 -8.82
CA TYR A 115 -0.39 7.70 -7.93
C TYR A 115 0.33 8.00 -6.61
N LEU A 116 1.49 8.66 -6.67
CA LEU A 116 2.21 9.02 -5.44
C LEU A 116 1.43 10.04 -4.63
N GLN A 117 0.84 11.05 -5.30
CA GLN A 117 0.17 12.13 -4.58
C GLN A 117 -1.07 11.63 -3.86
N ALA A 118 -1.71 10.59 -4.39
CA ALA A 118 -2.92 10.07 -3.75
C ALA A 118 -2.61 9.25 -2.53
N ARG A 119 -1.33 8.92 -2.32
CA ARG A 119 -0.89 8.10 -1.21
C ARG A 119 -0.11 8.91 -0.18
N ARG A 120 -0.17 10.23 -0.25
CA ARG A 120 0.40 11.03 0.82
C ARG A 120 -0.44 10.89 2.08
N PRO A 121 0.18 10.94 3.25
CA PRO A 121 -0.60 11.01 4.49
C PRO A 121 -1.49 12.24 4.49
N PRO A 122 -2.60 12.20 5.23
CA PRO A 122 -3.64 13.25 5.16
C PRO A 122 -3.26 14.54 5.90
N GLU A 135 -6.67 4.81 0.99
CA GLU A 135 -5.58 4.73 0.02
C GLU A 135 -4.23 4.71 0.73
N GLU A 136 -3.74 3.51 1.02
CA GLU A 136 -2.72 3.33 2.05
C GLU A 136 -1.37 3.94 1.65
N GLN A 137 -0.67 4.43 2.67
CA GLN A 137 0.64 5.05 2.47
C GLN A 137 1.62 4.01 1.92
N LEU A 138 2.59 4.50 1.16
CA LEU A 138 3.63 3.64 0.59
C LEU A 138 4.75 3.50 1.59
N SER A 139 5.23 2.27 1.78
CA SER A 139 6.42 2.07 2.60
C SER A 139 7.67 2.56 1.87
N SER A 140 8.75 2.75 2.63
CA SER A 140 10.02 3.13 2.00
C SER A 140 10.46 2.10 0.97
N LYS A 141 10.14 0.83 1.18
CA LYS A 141 10.50 -0.18 0.18
C LYS A 141 9.65 -0.03 -1.08
N ASP A 142 8.35 0.26 -0.92
CA ASP A 142 7.53 0.55 -2.09
C ASP A 142 8.16 1.66 -2.95
N LEU A 143 8.63 2.72 -2.31
CA LEU A 143 9.20 3.84 -3.06
C LEU A 143 10.49 3.44 -3.77
N VAL A 144 11.38 2.72 -3.09
CA VAL A 144 12.63 2.34 -3.75
C VAL A 144 12.35 1.35 -4.86
N SER A 145 11.36 0.48 -4.64
CA SER A 145 11.03 -0.52 -5.64
C SER A 145 10.41 0.14 -6.87
N CYS A 146 9.65 1.21 -6.65
CA CYS A 146 9.17 2.03 -7.77
C CYS A 146 10.34 2.58 -8.58
N ALA A 147 11.32 3.18 -7.92
CA ALA A 147 12.50 3.69 -8.62
C ALA A 147 13.20 2.58 -9.40
N TYR A 148 13.36 1.42 -8.76
CA TYR A 148 14.03 0.29 -9.39
C TYR A 148 13.35 -0.08 -10.70
N GLN A 149 12.03 -0.12 -10.69
CA GLN A 149 11.30 -0.59 -11.86
C GLN A 149 11.43 0.39 -13.00
N VAL A 150 11.37 1.70 -12.70
CA VAL A 150 11.57 2.72 -13.73
C VAL A 150 12.98 2.62 -14.30
N ALA A 151 13.98 2.49 -13.42
CA ALA A 151 15.36 2.31 -13.89
C ALA A 151 15.49 1.09 -14.79
N ARG A 152 14.75 0.01 -14.46
CA ARG A 152 14.81 -1.21 -15.26
C ARG A 152 14.20 -1.00 -16.64
N GLY A 153 13.10 -0.26 -16.72
CA GLY A 153 12.55 0.08 -18.02
C GLY A 153 13.52 0.91 -18.83
N MET A 154 14.11 1.92 -18.21
CA MET A 154 15.07 2.76 -18.92
C MET A 154 16.30 1.98 -19.31
N GLU A 155 16.73 1.03 -18.47
CA GLU A 155 17.89 0.22 -18.83
C GLU A 155 17.60 -0.55 -20.12
N TYR A 156 16.42 -1.16 -20.20
CA TYR A 156 16.01 -1.87 -21.41
C TYR A 156 15.97 -0.93 -22.61
N LEU A 157 15.27 0.20 -22.48
CA LEU A 157 15.20 1.17 -23.58
C LEU A 157 16.59 1.63 -24.04
N ALA A 158 17.47 1.95 -23.08
CA ALA A 158 18.82 2.39 -23.46
C ALA A 158 19.57 1.27 -24.20
N SER A 159 19.37 0.02 -23.78
CA SER A 159 20.02 -1.10 -24.47
C SER A 159 19.53 -1.27 -25.90
N LYS A 160 18.31 -0.80 -26.21
CA LYS A 160 17.82 -0.77 -27.58
C LYS A 160 18.12 0.54 -28.27
N LYS A 161 19.02 1.35 -27.70
CA LYS A 161 19.49 2.60 -28.29
C LYS A 161 18.41 3.67 -28.33
N CYS A 162 17.41 3.55 -27.46
CA CYS A 162 16.32 4.51 -27.40
C CYS A 162 16.62 5.59 -26.36
N ILE A 163 16.54 6.85 -26.78
CA ILE A 163 16.66 7.99 -25.88
C ILE A 163 15.25 8.53 -25.67
N HIS A 164 14.81 8.60 -24.42
CA HIS A 164 13.42 8.98 -24.15
C HIS A 164 13.18 10.46 -24.43
N ARG A 165 13.99 11.32 -23.84
CA ARG A 165 14.01 12.79 -23.96
C ARG A 165 12.96 13.49 -23.06
N ASP A 166 11.96 12.79 -22.52
CA ASP A 166 11.02 13.47 -21.60
C ASP A 166 10.66 12.53 -20.45
N LEU A 167 11.67 11.89 -19.87
CA LEU A 167 11.46 11.00 -18.73
C LEU A 167 11.01 11.82 -17.52
N ALA A 168 9.94 11.40 -16.87
CA ALA A 168 9.32 12.11 -15.75
C ALA A 168 8.22 11.21 -15.18
N ALA A 169 7.83 11.50 -13.93
CA ALA A 169 6.82 10.65 -13.30
C ALA A 169 5.52 10.71 -14.08
N ARG A 170 5.22 11.84 -14.75
CA ARG A 170 3.99 11.88 -15.54
C ARG A 170 4.02 10.88 -16.69
N ASN A 171 5.22 10.49 -17.14
CA ASN A 171 5.35 9.52 -18.22
C ASN A 171 5.69 8.12 -17.74
N VAL A 172 5.41 7.83 -16.47
CA VAL A 172 5.44 6.48 -15.94
C VAL A 172 4.02 6.12 -15.54
N LEU A 173 3.55 4.96 -15.99
CA LEU A 173 2.19 4.52 -15.72
C LEU A 173 2.21 3.31 -14.80
N VAL A 174 1.18 3.15 -13.98
CA VAL A 174 1.12 2.10 -12.96
C VAL A 174 -0.01 1.13 -13.32
N THR A 175 0.30 -0.16 -13.35
CA THR A 175 -0.73 -1.16 -13.66
C THR A 175 -1.55 -1.51 -12.42
N GLU A 176 -2.56 -2.35 -12.63
CA GLU A 176 -3.38 -2.85 -11.53
C GLU A 176 -2.53 -3.50 -10.46
N ASP A 177 -1.41 -4.09 -10.84
CA ASP A 177 -0.54 -4.82 -9.92
C ASP A 177 0.65 -3.99 -9.45
N ASN A 178 0.59 -2.67 -9.62
CA ASN A 178 1.65 -1.76 -9.16
C ASN A 178 2.97 -1.97 -9.91
N VAL A 179 2.89 -2.32 -11.19
CA VAL A 179 4.08 -2.40 -12.05
C VAL A 179 4.28 -1.05 -12.72
N MET A 180 5.51 -0.53 -12.67
CA MET A 180 5.82 0.72 -13.35
C MET A 180 6.14 0.45 -14.83
N LYS A 181 5.53 1.23 -15.73
CA LYS A 181 5.75 1.11 -17.17
C LYS A 181 6.10 2.47 -17.77
N ILE A 182 7.30 2.58 -18.34
CA ILE A 182 7.67 3.80 -19.04
C ILE A 182 6.74 4.02 -20.22
N ALA A 183 6.16 5.21 -20.31
CA ALA A 183 5.29 5.56 -21.44
C ALA A 183 5.95 6.58 -22.35
N ASP A 184 5.50 6.59 -23.60
CA ASP A 184 5.79 7.66 -24.55
C ASP A 184 7.26 7.72 -24.95
N PHE A 185 7.97 6.59 -24.86
CA PHE A 185 9.36 6.55 -25.32
C PHE A 185 9.47 6.61 -26.84
N GLY A 186 8.37 6.36 -27.56
CA GLY A 186 8.41 6.31 -29.00
C GLY A 186 7.84 7.52 -29.69
N LEU A 187 7.54 8.60 -28.96
CA LEU A 187 6.97 9.80 -29.58
C LEU A 187 7.96 10.41 -30.54
N ALA A 188 7.45 10.93 -31.66
CA ALA A 188 8.25 11.76 -32.53
C ALA A 188 8.28 13.18 -31.99
N ARG A 189 9.49 13.72 -31.79
CA ARG A 189 9.66 15.10 -31.32
C ARG A 189 10.61 15.78 -32.28
N ASP A 190 10.27 16.99 -32.70
CA ASP A 190 11.27 17.88 -33.29
C ASP A 190 11.76 18.74 -32.14
N ILE A 191 12.95 18.44 -31.62
CA ILE A 191 13.39 19.15 -30.44
C ILE A 191 13.69 20.61 -30.73
N HIS A 192 13.91 20.97 -32.00
CA HIS A 192 14.09 22.36 -32.39
C HIS A 192 12.79 23.13 -32.41
N HIS A 193 11.66 22.47 -32.15
CA HIS A 193 10.36 23.14 -32.07
C HIS A 193 9.79 23.06 -30.66
N ILE A 194 10.63 22.78 -29.67
CA ILE A 194 10.17 22.76 -28.29
C ILE A 194 9.75 24.16 -27.88
N ASP A 195 8.61 24.25 -27.22
CA ASP A 195 8.17 25.51 -26.60
C ASP A 195 8.56 25.42 -25.13
N TYR A 196 9.64 26.10 -24.78
CA TYR A 196 10.15 26.04 -23.41
C TYR A 196 9.12 26.54 -22.40
N TYR A 197 8.23 27.43 -22.81
CA TYR A 197 7.24 28.00 -21.90
C TYR A 197 5.97 27.17 -21.79
N LYS A 198 5.79 26.14 -22.61
CA LYS A 198 4.55 25.38 -22.62
C LYS A 198 4.48 24.48 -21.38
N LYS A 199 3.39 24.61 -20.64
CA LYS A 199 3.15 23.87 -19.41
C LYS A 199 2.50 22.52 -19.70
N THR A 200 2.68 21.59 -18.77
CA THR A 200 1.91 20.36 -18.76
C THR A 200 0.46 20.67 -18.38
N THR A 201 -0.42 19.69 -18.60
CA THR A 201 -1.81 19.90 -18.18
C THR A 201 -1.89 20.22 -16.68
N ASN A 202 -0.94 19.70 -15.90
CA ASN A 202 -0.84 19.94 -14.46
C ASN A 202 -0.28 21.31 -14.11
N GLY A 203 0.14 22.10 -15.09
CA GLY A 203 0.72 23.41 -14.84
C GLY A 203 2.22 23.46 -14.59
N ARG A 204 2.96 22.39 -14.91
CA ARG A 204 4.40 22.38 -14.67
C ARG A 204 5.17 22.45 -15.98
N LEU A 205 6.45 22.85 -15.86
CA LEU A 205 7.30 23.13 -17.02
C LEU A 205 8.22 21.96 -17.32
N PRO A 206 8.02 21.23 -18.43
CA PRO A 206 8.92 20.12 -18.76
C PRO A 206 10.40 20.46 -18.78
N VAL A 207 10.79 21.71 -19.02
CA VAL A 207 12.22 22.02 -18.99
C VAL A 207 12.85 21.69 -17.64
N LYS A 208 12.05 21.50 -16.58
CA LYS A 208 12.60 21.22 -15.27
C LYS A 208 13.11 19.79 -15.13
N TRP A 209 12.93 18.97 -16.15
CA TRP A 209 13.46 17.61 -16.20
C TRP A 209 14.64 17.45 -17.16
N MET A 210 15.04 18.49 -17.87
CA MET A 210 16.08 18.36 -18.88
C MET A 210 17.46 18.60 -18.27
N ALA A 211 18.43 17.76 -18.69
CA ALA A 211 19.83 18.07 -18.43
C ALA A 211 20.20 19.44 -19.00
N PRO A 212 21.17 20.13 -18.39
CA PRO A 212 21.56 21.43 -18.95
C PRO A 212 21.99 21.35 -20.39
N GLU A 213 22.72 20.30 -20.77
CA GLU A 213 23.21 20.23 -22.13
C GLU A 213 22.07 19.98 -23.12
N ALA A 214 20.98 19.35 -22.67
CA ALA A 214 19.79 19.29 -23.51
C ALA A 214 19.08 20.64 -23.52
N LEU A 215 18.90 21.25 -22.35
CA LEU A 215 18.21 22.52 -22.25
C LEU A 215 18.94 23.62 -23.04
N PHE A 216 20.25 23.78 -22.83
CA PHE A 216 20.96 24.91 -23.41
C PHE A 216 21.45 24.64 -24.82
N ASP A 217 21.85 23.41 -25.12
CA ASP A 217 22.54 23.07 -26.36
C ASP A 217 21.79 22.06 -27.22
N ARG A 218 20.62 21.60 -26.80
CA ARG A 218 19.81 20.67 -27.59
C ARG A 218 20.54 19.34 -27.84
N ILE A 219 21.36 18.89 -26.90
CA ILE A 219 22.09 17.65 -27.07
C ILE A 219 21.44 16.60 -26.19
N TYR A 220 20.74 15.65 -26.80
CA TYR A 220 20.06 14.59 -26.07
C TYR A 220 20.84 13.30 -26.15
N THR A 221 21.04 12.65 -25.00
CA THR A 221 21.80 11.42 -24.88
C THR A 221 21.18 10.53 -23.83
N HIS A 222 21.69 9.30 -23.74
CA HIS A 222 21.41 8.47 -22.58
C HIS A 222 21.79 9.18 -21.29
N GLN A 223 22.85 9.98 -21.32
CA GLN A 223 23.30 10.67 -20.12
C GLN A 223 22.30 11.75 -19.71
N SER A 224 21.62 12.39 -20.67
CA SER A 224 20.64 13.38 -20.27
C SER A 224 19.34 12.74 -19.78
N ASP A 225 19.02 11.51 -20.24
CA ASP A 225 17.91 10.77 -19.62
C ASP A 225 18.23 10.41 -18.17
N VAL A 226 19.50 10.14 -17.87
CA VAL A 226 19.87 9.84 -16.49
C VAL A 226 19.66 11.07 -15.62
N TRP A 227 20.01 12.26 -16.14
CA TRP A 227 19.65 13.49 -15.44
C TRP A 227 18.16 13.51 -15.11
N SER A 228 17.31 13.26 -16.10
CA SER A 228 15.87 13.28 -15.89
C SER A 228 15.45 12.23 -14.87
N PHE A 229 16.07 11.06 -14.92
CA PHE A 229 15.80 10.04 -13.91
C PHE A 229 16.07 10.55 -12.50
N GLY A 230 17.11 11.37 -12.34
CA GLY A 230 17.39 11.93 -11.03
C GLY A 230 16.26 12.81 -10.54
N VAL A 231 15.71 13.63 -11.44
CA VAL A 231 14.54 14.44 -11.13
C VAL A 231 13.37 13.55 -10.75
N LEU A 232 13.18 12.47 -11.50
CA LEU A 232 12.08 11.55 -11.21
C LEU A 232 12.24 10.91 -9.83
N LEU A 233 13.47 10.48 -9.49
CA LEU A 233 13.76 10.03 -8.13
C LEU A 233 13.32 11.05 -7.09
N TRP A 234 13.68 12.31 -7.29
CA TRP A 234 13.20 13.39 -6.44
C TRP A 234 11.66 13.42 -6.38
N GLU A 235 11.00 13.26 -7.53
CA GLU A 235 9.53 13.19 -7.50
C GLU A 235 9.05 12.01 -6.67
N ILE A 236 9.73 10.86 -6.77
CA ILE A 236 9.32 9.69 -6.00
C ILE A 236 9.37 9.99 -4.52
N PHE A 237 10.51 10.48 -4.03
CA PHE A 237 10.67 10.58 -2.59
C PHE A 237 10.05 11.84 -2.01
N THR A 238 9.51 12.73 -2.83
CA THR A 238 8.62 13.78 -2.35
C THR A 238 7.16 13.42 -2.53
N LEU A 239 6.88 12.19 -2.97
CA LEU A 239 5.52 11.70 -3.22
C LEU A 239 4.76 12.62 -4.18
N GLY A 240 5.37 12.83 -5.34
CA GLY A 240 4.75 13.63 -6.38
C GLY A 240 4.99 15.11 -6.27
N GLY A 241 6.07 15.53 -5.59
CA GLY A 241 6.35 16.95 -5.46
C GLY A 241 6.68 17.59 -6.79
N SER A 242 6.50 18.91 -6.84
CA SER A 242 6.72 19.66 -8.06
C SER A 242 8.12 20.25 -8.02
N PRO A 243 9.02 19.90 -8.95
CA PRO A 243 10.38 20.46 -8.90
C PRO A 243 10.39 21.96 -9.13
N TYR A 244 11.23 22.66 -8.37
CA TYR A 244 11.42 24.10 -8.49
C TYR A 244 10.08 24.85 -8.53
N PRO A 245 9.23 24.68 -7.52
CA PRO A 245 7.90 25.30 -7.57
C PRO A 245 8.00 26.82 -7.55
N GLY A 246 7.27 27.46 -8.46
CA GLY A 246 7.26 28.90 -8.60
C GLY A 246 8.37 29.46 -9.47
N VAL A 247 9.24 28.62 -10.03
CA VAL A 247 10.42 29.07 -10.75
C VAL A 247 10.07 29.13 -12.24
N PRO A 248 10.09 30.30 -12.86
CA PRO A 248 9.84 30.38 -14.29
C PRO A 248 11.09 30.05 -15.10
N VAL A 249 10.87 29.85 -16.41
CA VAL A 249 11.93 29.39 -17.32
C VAL A 249 13.21 30.20 -17.17
N GLU A 250 13.09 31.54 -17.22
CA GLU A 250 14.29 32.37 -17.23
C GLU A 250 15.11 32.19 -15.96
N GLU A 251 14.42 32.03 -14.82
CA GLU A 251 15.13 31.85 -13.56
C GLU A 251 15.70 30.44 -13.45
N LEU A 252 15.04 29.46 -14.07
CA LEU A 252 15.59 28.12 -14.10
C LEU A 252 16.92 28.10 -14.81
N PHE A 253 16.99 28.76 -15.97
CA PHE A 253 18.24 28.92 -16.72
C PHE A 253 19.35 29.45 -15.82
N LYS A 254 19.03 30.49 -15.04
CA LYS A 254 20.02 31.06 -14.14
C LYS A 254 20.45 30.05 -13.07
N LEU A 255 19.48 29.38 -12.44
CA LEU A 255 19.79 28.37 -11.44
C LEU A 255 20.75 27.33 -11.99
N LEU A 256 20.45 26.81 -13.18
CA LEU A 256 21.32 25.79 -13.76
C LEU A 256 22.69 26.36 -14.13
N LYS A 257 22.72 27.55 -14.71
CA LYS A 257 24.02 28.16 -15.01
C LYS A 257 24.86 28.29 -13.74
N GLU A 258 24.22 28.53 -12.60
CA GLU A 258 24.93 28.67 -11.33
C GLU A 258 25.26 27.33 -10.67
N GLY A 259 24.78 26.22 -11.20
CA GLY A 259 25.04 24.93 -10.57
C GLY A 259 24.11 24.55 -9.45
N HIS A 260 22.96 25.22 -9.34
CA HIS A 260 21.98 24.88 -8.31
C HIS A 260 21.51 23.45 -8.46
N ARG A 261 21.23 22.80 -7.32
CA ARG A 261 20.67 21.46 -7.29
C ARG A 261 19.56 21.43 -6.24
N MET A 262 18.50 20.66 -6.52
CA MET A 262 17.38 20.57 -5.58
C MET A 262 17.84 20.00 -4.24
N ASP A 263 17.12 20.42 -3.19
CA ASP A 263 17.40 19.98 -1.82
C ASP A 263 17.01 18.53 -1.63
N LYS A 264 17.62 17.90 -0.64
CA LYS A 264 17.25 16.54 -0.26
C LYS A 264 15.82 16.51 0.26
N PRO A 265 14.96 15.67 -0.29
CA PRO A 265 13.62 15.51 0.30
C PRO A 265 13.72 14.99 1.72
N SER A 266 12.80 15.40 2.57
CA SER A 266 12.62 14.62 3.79
C SER A 266 12.07 13.26 3.40
N ASN A 267 12.29 12.27 4.25
CA ASN A 267 11.93 10.88 3.93
C ASN A 267 12.75 10.40 2.73
N CYS A 268 14.06 10.52 2.88
CA CYS A 268 14.98 10.10 1.83
C CYS A 268 16.34 9.90 2.47
N THR A 269 16.98 8.76 2.20
CA THR A 269 18.26 8.52 2.82
C THR A 269 19.34 9.35 2.14
N ASN A 270 20.47 9.51 2.83
CA ASN A 270 21.58 10.20 2.19
C ASN A 270 22.08 9.43 0.98
N GLU A 271 22.07 8.09 1.06
CA GLU A 271 22.50 7.27 -0.08
C GLU A 271 21.65 7.53 -1.32
N LEU A 272 20.32 7.64 -1.14
CA LEU A 272 19.45 7.89 -2.29
C LEU A 272 19.56 9.33 -2.78
N TYR A 273 19.83 10.28 -1.87
CA TYR A 273 20.10 11.65 -2.31
C TYR A 273 21.41 11.72 -3.08
N MET A 274 22.42 10.99 -2.60
CA MET A 274 23.68 10.92 -3.35
C MET A 274 23.43 10.39 -4.76
N MET A 275 22.50 9.46 -4.91
CA MET A 275 22.17 8.94 -6.24
C MET A 275 21.56 10.05 -7.11
N MET A 276 20.59 10.80 -6.57
CA MET A 276 20.05 11.93 -7.30
C MET A 276 21.16 12.87 -7.74
N ARG A 277 22.05 13.24 -6.81
CA ARG A 277 23.07 14.23 -7.12
C ARG A 277 24.03 13.70 -8.20
N ASP A 278 24.30 12.39 -8.19
CA ASP A 278 25.18 11.82 -9.20
C ASP A 278 24.51 11.85 -10.56
N CYS A 279 23.20 11.56 -10.62
CA CYS A 279 22.45 11.70 -11.86
C CYS A 279 22.52 13.13 -12.40
N TRP A 280 22.67 14.10 -11.50
CA TRP A 280 22.80 15.51 -11.86
C TRP A 280 24.26 15.97 -11.94
N HIS A 281 25.18 15.06 -12.23
CA HIS A 281 26.57 15.46 -12.41
C HIS A 281 26.68 16.50 -13.51
N ALA A 282 27.47 17.55 -13.27
CA ALA A 282 27.65 18.59 -14.29
C ALA A 282 28.23 18.02 -15.58
N VAL A 283 29.13 17.05 -15.46
CA VAL A 283 29.82 16.46 -16.60
C VAL A 283 29.06 15.19 -16.99
N PRO A 284 28.49 15.12 -18.19
CA PRO A 284 27.61 13.97 -18.50
C PRO A 284 28.28 12.62 -18.40
N SER A 285 29.56 12.54 -18.77
CA SER A 285 30.30 11.28 -18.72
C SER A 285 30.45 10.75 -17.31
N GLN A 286 30.28 11.59 -16.30
CA GLN A 286 30.46 11.17 -14.92
C GLN A 286 29.16 10.76 -14.24
N ARG A 287 28.01 10.87 -14.92
CA ARG A 287 26.77 10.38 -14.36
C ARG A 287 26.78 8.85 -14.39
N PRO A 288 26.00 8.21 -13.53
CA PRO A 288 25.87 6.75 -13.64
C PRO A 288 25.07 6.38 -14.89
N THR A 289 25.26 5.14 -15.33
CA THR A 289 24.40 4.59 -16.38
C THR A 289 23.15 3.97 -15.75
N PHE A 290 22.15 3.71 -16.59
CA PHE A 290 20.97 3.02 -16.09
C PHE A 290 21.32 1.60 -15.64
N LYS A 291 22.29 0.96 -16.29
CA LYS A 291 22.73 -0.35 -15.82
C LYS A 291 23.24 -0.27 -14.40
N GLN A 292 24.07 0.73 -14.11
CA GLN A 292 24.61 0.94 -12.78
C GLN A 292 23.50 1.27 -11.78
N LEU A 293 22.59 2.17 -12.15
CA LEU A 293 21.48 2.52 -11.26
C LEU A 293 20.60 1.32 -10.93
N VAL A 294 20.36 0.46 -11.92
CA VAL A 294 19.59 -0.74 -11.64
C VAL A 294 20.30 -1.58 -10.58
N GLU A 295 21.62 -1.75 -10.72
CA GLU A 295 22.35 -2.58 -9.77
C GLU A 295 22.35 -1.95 -8.37
N ASP A 296 22.53 -0.63 -8.30
CA ASP A 296 22.52 0.04 -7.00
C ASP A 296 21.14 -0.02 -6.36
N LEU A 297 20.10 0.25 -7.14
CA LEU A 297 18.75 0.23 -6.58
C LEU A 297 18.37 -1.17 -6.14
N ASP A 298 18.76 -2.18 -6.92
CA ASP A 298 18.52 -3.56 -6.50
C ASP A 298 19.13 -3.81 -5.12
N ARG A 299 20.36 -3.35 -4.92
CA ARG A 299 21.00 -3.53 -3.62
C ARG A 299 20.24 -2.76 -2.54
N ILE A 300 19.77 -1.54 -2.85
CA ILE A 300 19.09 -0.72 -1.86
C ILE A 300 17.71 -1.30 -1.53
N VAL A 301 17.01 -1.88 -2.50
CA VAL A 301 15.73 -2.51 -2.18
C VAL A 301 15.92 -3.58 -1.11
N ALA A 302 16.90 -4.46 -1.33
CA ALA A 302 17.12 -5.58 -0.41
C ALA A 302 17.37 -5.10 1.00
N LEU A 303 18.10 -4.00 1.16
CA LEU A 303 18.47 -3.45 2.45
C LEU A 303 17.39 -2.53 3.05
N THR A 304 16.25 -2.34 2.39
CA THR A 304 15.31 -1.31 2.79
C THR A 304 14.17 -1.89 3.63
N SER A 305 13.94 -1.28 4.79
CA SER A 305 12.89 -1.72 5.70
C SER A 305 11.52 -1.42 5.10
N ASN A 306 10.69 -2.47 4.97
CA ASN A 306 9.28 -2.29 4.65
C ASN A 306 8.41 -2.16 5.90
N GLN A 307 8.99 -1.72 7.02
CA GLN A 307 8.26 -1.55 8.26
C GLN A 307 7.92 -0.10 8.57
N GLU A 308 8.39 0.85 7.76
CA GLU A 308 8.01 2.25 7.91
C GLU A 308 7.91 2.93 6.54
N GLY B 2 -26.06 0.79 -6.46
CA GLY B 2 -25.69 -0.16 -5.44
C GLY B 2 -25.13 -1.46 -5.99
N VAL B 3 -23.81 -1.64 -5.85
CA VAL B 3 -23.16 -2.78 -6.49
C VAL B 3 -23.54 -4.08 -5.80
N SER B 4 -23.88 -4.01 -4.50
CA SER B 4 -24.34 -5.16 -3.74
C SER B 4 -25.82 -5.06 -3.41
N GLU B 5 -26.58 -4.34 -4.25
CA GLU B 5 -27.96 -4.04 -3.90
C GLU B 5 -28.82 -5.29 -3.84
N TYR B 6 -28.71 -6.16 -4.86
CA TYR B 6 -29.55 -7.36 -4.98
C TYR B 6 -28.80 -8.68 -4.80
N GLU B 7 -27.49 -8.72 -5.06
CA GLU B 7 -26.76 -9.97 -4.84
C GLU B 7 -25.28 -9.66 -4.72
N LEU B 8 -24.60 -10.44 -3.88
CA LEU B 8 -23.17 -10.38 -3.63
C LEU B 8 -22.45 -11.36 -4.56
N PRO B 9 -21.19 -11.05 -4.92
CA PRO B 9 -20.40 -12.01 -5.70
C PRO B 9 -20.33 -13.34 -4.98
N GLU B 10 -20.23 -14.42 -5.74
CA GLU B 10 -20.02 -15.73 -5.16
C GLU B 10 -18.53 -16.00 -4.88
N ASP B 11 -18.27 -16.89 -3.93
CA ASP B 11 -16.92 -17.37 -3.67
C ASP B 11 -17.05 -18.73 -3.02
N PRO B 12 -17.07 -19.79 -3.83
CA PRO B 12 -17.38 -21.13 -3.30
C PRO B 12 -16.41 -21.64 -2.26
N ARG B 13 -15.16 -21.17 -2.28
CA ARG B 13 -14.17 -21.64 -1.31
C ARG B 13 -14.60 -21.37 0.13
N TRP B 14 -15.38 -20.32 0.36
CA TRP B 14 -15.74 -19.94 1.72
C TRP B 14 -17.21 -20.12 2.05
N GLU B 15 -18.05 -20.42 1.06
CA GLU B 15 -19.49 -20.37 1.24
C GLU B 15 -19.98 -21.52 2.12
N LEU B 16 -20.74 -21.19 3.15
CA LEU B 16 -21.36 -22.18 4.00
C LEU B 16 -22.86 -22.11 3.85
N PRO B 17 -23.55 -23.23 3.61
CA PRO B 17 -25.02 -23.17 3.49
C PRO B 17 -25.66 -22.78 4.80
N ARG B 18 -26.76 -22.02 4.68
CA ARG B 18 -27.37 -21.39 5.84
C ARG B 18 -27.91 -22.43 6.83
N ASP B 19 -28.34 -23.59 6.34
CA ASP B 19 -28.91 -24.59 7.24
C ASP B 19 -27.84 -25.32 8.04
N ARG B 20 -26.57 -25.19 7.69
CA ARG B 20 -25.48 -25.69 8.50
C ARG B 20 -25.00 -24.68 9.54
N LEU B 21 -25.77 -23.63 9.80
CA LEU B 21 -25.39 -22.62 10.77
C LEU B 21 -26.60 -22.33 11.64
N VAL B 22 -26.48 -22.56 12.93
CA VAL B 22 -27.56 -22.34 13.89
C VAL B 22 -27.16 -21.15 14.75
N LEU B 23 -27.88 -20.03 14.59
CA LEU B 23 -27.55 -18.79 15.29
C LEU B 23 -27.92 -18.86 16.77
N GLY B 24 -27.03 -18.35 17.61
CA GLY B 24 -27.22 -18.40 19.04
C GLY B 24 -27.20 -17.04 19.72
N LYS B 25 -26.70 -16.99 20.95
CA LYS B 25 -26.82 -15.80 21.78
C LYS B 25 -26.01 -14.63 21.21
N PRO B 26 -26.49 -13.39 21.37
CA PRO B 26 -25.69 -12.23 20.98
C PRO B 26 -24.38 -12.16 21.76
N LEU B 27 -23.33 -11.76 21.06
CA LEU B 27 -22.03 -11.50 21.66
C LEU B 27 -21.74 -10.02 21.85
N GLY B 28 -22.46 -9.14 21.15
CA GLY B 28 -22.25 -7.71 21.20
C GLY B 28 -22.72 -7.07 19.89
N GLU B 29 -23.05 -5.78 19.96
CA GLU B 29 -23.65 -5.20 18.77
C GLU B 29 -23.69 -3.67 18.74
N GLY B 30 -22.66 -3.06 18.16
CA GLY B 30 -22.54 -1.62 17.98
C GLY B 30 -22.38 -1.15 16.54
N ALA B 31 -21.40 -0.30 16.26
CA ALA B 31 -21.27 0.27 14.92
C ALA B 31 -20.85 -0.77 13.87
N PHE B 32 -20.23 -1.87 14.28
CA PHE B 32 -19.85 -2.98 13.40
C PHE B 32 -21.06 -3.81 12.95
N GLY B 33 -22.26 -3.49 13.42
CA GLY B 33 -23.40 -4.37 13.22
C GLY B 33 -23.65 -5.16 14.47
N GLN B 34 -23.91 -6.46 14.34
CA GLN B 34 -24.09 -7.31 15.49
C GLN B 34 -23.29 -8.60 15.29
N VAL B 35 -22.78 -9.13 16.38
CA VAL B 35 -22.06 -10.39 16.39
C VAL B 35 -22.81 -11.33 17.31
N VAL B 36 -22.97 -12.59 16.89
CA VAL B 36 -23.66 -13.60 17.66
C VAL B 36 -22.82 -14.86 17.69
N LEU B 37 -22.94 -15.59 18.80
CA LEU B 37 -22.45 -16.97 18.83
C LEU B 37 -23.27 -17.82 17.87
N ALA B 38 -22.64 -18.84 17.32
CA ALA B 38 -23.37 -19.77 16.48
C ALA B 38 -22.71 -21.13 16.52
N GLU B 39 -23.42 -22.13 16.02
CA GLU B 39 -22.91 -23.49 15.89
C GLU B 39 -22.90 -23.84 14.41
N ALA B 40 -21.73 -24.22 13.91
CA ALA B 40 -21.53 -24.54 12.50
C ALA B 40 -21.27 -26.03 12.35
N ILE B 41 -21.94 -26.65 11.39
CA ILE B 41 -21.87 -28.09 11.17
C ILE B 41 -21.08 -28.34 9.90
N GLY B 42 -20.02 -29.14 10.01
CA GLY B 42 -19.26 -29.54 8.84
C GLY B 42 -18.38 -28.47 8.24
N LEU B 43 -17.71 -27.68 9.08
CA LEU B 43 -16.70 -26.74 8.57
C LEU B 43 -15.56 -27.48 7.90
N ASP B 44 -15.02 -28.48 8.59
CA ASP B 44 -14.00 -29.35 8.05
C ASP B 44 -14.67 -30.40 7.17
N LYS B 45 -14.55 -30.24 5.84
CA LYS B 45 -15.24 -31.12 4.91
C LYS B 45 -14.93 -32.59 5.18
N ASP B 46 -13.78 -32.88 5.80
CA ASP B 46 -13.46 -34.26 6.14
C ASP B 46 -14.35 -34.77 7.27
N LYS B 47 -14.73 -33.92 8.23
CA LYS B 47 -15.60 -34.31 9.34
C LYS B 47 -16.97 -33.63 9.24
N PRO B 48 -17.89 -34.17 8.45
CA PRO B 48 -19.08 -33.39 8.05
C PRO B 48 -20.12 -33.21 9.14
N ASN B 49 -20.06 -33.94 10.24
CA ASN B 49 -21.07 -33.79 11.29
C ASN B 49 -20.52 -33.20 12.57
N ARG B 50 -19.24 -32.83 12.61
CA ARG B 50 -18.71 -32.15 13.77
C ARG B 50 -19.33 -30.77 13.88
N VAL B 51 -19.75 -30.40 15.09
CA VAL B 51 -20.29 -29.08 15.37
C VAL B 51 -19.18 -28.21 15.95
N THR B 52 -18.93 -27.06 15.32
CA THR B 52 -17.97 -26.08 15.78
C THR B 52 -18.71 -24.84 16.29
N LYS B 53 -18.42 -24.44 17.53
CA LYS B 53 -18.89 -23.14 17.99
C LYS B 53 -18.06 -22.05 17.32
N VAL B 54 -18.75 -21.05 16.77
CA VAL B 54 -18.12 -19.97 16.00
C VAL B 54 -18.81 -18.65 16.34
N ALA B 55 -18.22 -17.56 15.88
CA ALA B 55 -18.79 -16.22 16.02
C ALA B 55 -19.12 -15.69 14.63
N VAL B 56 -20.27 -15.03 14.52
CA VAL B 56 -20.80 -14.58 13.24
C VAL B 56 -21.07 -13.08 13.32
N LYS B 57 -20.54 -12.33 12.35
CA LYS B 57 -20.85 -10.91 12.23
C LYS B 57 -21.85 -10.69 11.10
N MET B 58 -22.81 -9.81 11.34
CA MET B 58 -23.79 -9.46 10.31
C MET B 58 -24.15 -7.99 10.48
N LEU B 59 -24.77 -7.41 9.44
CA LEU B 59 -25.26 -6.04 9.56
C LEU B 59 -26.47 -5.94 10.50
N LYS B 60 -26.63 -4.76 11.10
CA LYS B 60 -27.88 -4.39 11.74
C LYS B 60 -28.93 -4.01 10.70
N SER B 61 -30.21 -4.07 11.12
CA SER B 61 -31.34 -3.76 10.24
C SER B 61 -31.25 -2.37 9.63
N ASP B 62 -30.63 -1.42 10.34
CA ASP B 62 -30.54 -0.05 9.86
C ASP B 62 -29.30 0.21 9.03
N ALA B 63 -28.57 -0.82 8.64
CA ALA B 63 -27.31 -0.58 7.94
C ALA B 63 -27.57 0.02 6.57
N THR B 64 -26.56 0.73 6.07
CA THR B 64 -26.56 1.36 4.77
C THR B 64 -25.70 0.57 3.79
N GLU B 65 -25.75 0.99 2.53
CA GLU B 65 -24.88 0.40 1.52
C GLU B 65 -23.40 0.50 1.91
N LYS B 66 -23.03 1.57 2.61
CA LYS B 66 -21.64 1.74 3.05
C LYS B 66 -21.28 0.71 4.11
N ASP B 67 -22.17 0.46 5.06
CA ASP B 67 -21.91 -0.58 6.06
C ASP B 67 -21.71 -1.93 5.40
N LEU B 68 -22.55 -2.24 4.41
CA LEU B 68 -22.38 -3.50 3.67
C LEU B 68 -21.01 -3.54 3.01
N SER B 69 -20.61 -2.46 2.35
CA SER B 69 -19.31 -2.42 1.71
C SER B 69 -18.18 -2.61 2.74
N ASP B 70 -18.30 -1.95 3.90
CA ASP B 70 -17.30 -2.09 4.96
C ASP B 70 -17.17 -3.54 5.42
N LEU B 71 -18.30 -4.23 5.60
CA LEU B 71 -18.26 -5.61 6.08
C LEU B 71 -17.68 -6.54 5.02
N ILE B 72 -17.92 -6.24 3.75
CA ILE B 72 -17.37 -7.08 2.69
C ILE B 72 -15.84 -6.90 2.62
N SER B 73 -15.35 -5.66 2.68
CA SER B 73 -13.91 -5.41 2.72
C SER B 73 -13.24 -6.19 3.86
N GLU B 74 -13.83 -6.17 5.05
CA GLU B 74 -13.28 -6.90 6.18
C GLU B 74 -13.17 -8.38 5.88
N MET B 75 -14.25 -8.99 5.38
CA MET B 75 -14.18 -10.38 4.95
C MET B 75 -13.11 -10.59 3.90
N GLU B 76 -13.00 -9.68 2.93
CA GLU B 76 -12.01 -9.87 1.88
C GLU B 76 -10.60 -9.69 2.41
N MET B 77 -10.41 -8.74 3.33
CA MET B 77 -9.10 -8.55 3.94
C MET B 77 -8.62 -9.83 4.62
N MET B 78 -9.51 -10.49 5.36
CA MET B 78 -9.15 -11.74 6.02
C MET B 78 -8.75 -12.81 5.02
N LYS B 79 -9.42 -12.86 3.86
CA LYS B 79 -9.04 -13.84 2.84
C LYS B 79 -7.63 -13.61 2.35
N MET B 80 -7.29 -12.35 2.06
CA MET B 80 -5.97 -12.03 1.55
C MET B 80 -4.88 -12.33 2.58
N ILE B 81 -5.16 -12.06 3.86
CA ILE B 81 -4.13 -12.16 4.88
C ILE B 81 -3.81 -13.62 5.19
N GLY B 82 -4.81 -14.51 5.16
CA GLY B 82 -4.56 -15.91 5.41
C GLY B 82 -4.52 -16.27 6.88
N LYS B 83 -4.22 -17.54 7.15
CA LYS B 83 -4.36 -18.10 8.48
C LYS B 83 -3.08 -17.93 9.29
N HIS B 84 -3.27 -17.76 10.60
CA HIS B 84 -2.18 -17.80 11.56
C HIS B 84 -2.77 -18.13 12.92
N LYS B 85 -2.02 -18.89 13.71
CA LYS B 85 -2.55 -19.39 14.97
C LYS B 85 -2.84 -18.28 15.96
N ASN B 86 -2.16 -17.15 15.83
CA ASN B 86 -2.30 -16.06 16.79
C ASN B 86 -3.14 -14.92 16.25
N ILE B 87 -4.01 -15.19 15.28
CA ILE B 87 -5.02 -14.22 14.86
C ILE B 87 -6.36 -14.94 14.82
N ILE B 88 -7.43 -14.17 14.92
CA ILE B 88 -8.79 -14.67 14.75
C ILE B 88 -9.00 -14.95 13.26
N ASN B 89 -9.24 -16.21 12.90
CA ASN B 89 -9.25 -16.59 11.49
C ASN B 89 -10.65 -16.63 10.90
N LEU B 90 -10.72 -16.30 9.61
CA LEU B 90 -11.93 -16.46 8.83
C LEU B 90 -12.21 -17.95 8.64
N LEU B 91 -13.44 -18.35 8.92
CA LEU B 91 -13.87 -19.74 8.76
C LEU B 91 -14.90 -19.94 7.66
N GLY B 92 -15.67 -18.93 7.31
CA GLY B 92 -16.64 -19.09 6.24
C GLY B 92 -17.50 -17.86 6.11
N ALA B 93 -18.46 -17.95 5.19
CA ALA B 93 -19.37 -16.84 4.93
C ALA B 93 -20.68 -17.37 4.38
N CYS B 94 -21.77 -16.69 4.72
CA CYS B 94 -23.03 -16.84 4.01
C CYS B 94 -23.25 -15.52 3.26
N THR B 95 -23.06 -15.56 1.94
CA THR B 95 -23.13 -14.36 1.13
C THR B 95 -24.33 -14.31 0.20
N GLN B 96 -24.90 -15.48 -0.12
CA GLN B 96 -25.95 -15.61 -1.12
C GLN B 96 -27.33 -15.77 -0.48
N ASP B 97 -28.35 -15.28 -1.18
CA ASP B 97 -29.76 -15.41 -0.79
C ASP B 97 -29.97 -15.11 0.68
N GLY B 98 -29.64 -13.88 1.07
CA GLY B 98 -29.90 -13.46 2.41
C GLY B 98 -28.81 -12.58 2.96
N PRO B 99 -28.90 -12.25 4.25
CA PRO B 99 -27.94 -11.31 4.83
C PRO B 99 -26.54 -11.89 4.86
N LEU B 100 -25.56 -11.01 4.67
CA LEU B 100 -24.17 -11.43 4.72
C LEU B 100 -23.81 -11.87 6.14
N TYR B 101 -23.28 -13.09 6.28
CA TYR B 101 -22.70 -13.57 7.54
C TYR B 101 -21.21 -13.79 7.37
N VAL B 102 -20.40 -13.19 8.23
CA VAL B 102 -18.95 -13.44 8.25
C VAL B 102 -18.63 -14.25 9.49
N ILE B 103 -18.08 -15.44 9.30
CA ILE B 103 -17.97 -16.44 10.36
C ILE B 103 -16.49 -16.58 10.74
N VAL B 104 -16.16 -16.37 12.01
CA VAL B 104 -14.77 -16.45 12.44
C VAL B 104 -14.65 -17.39 13.63
N GLU B 105 -13.39 -17.70 13.98
CA GLU B 105 -13.09 -18.47 15.18
C GLU B 105 -13.66 -17.81 16.41
N TYR B 106 -14.20 -18.63 17.32
CA TYR B 106 -14.70 -18.14 18.59
C TYR B 106 -13.66 -18.43 19.68
N ALA B 107 -13.23 -17.38 20.37
CA ALA B 107 -12.29 -17.50 21.47
C ALA B 107 -13.10 -17.43 22.76
N SER B 108 -13.25 -18.58 23.43
CA SER B 108 -14.21 -18.73 24.52
C SER B 108 -13.82 -17.98 25.79
N LYS B 109 -12.60 -17.46 25.92
CA LYS B 109 -12.25 -16.82 27.19
C LYS B 109 -12.19 -15.29 27.10
N GLY B 110 -12.78 -14.70 26.06
CA GLY B 110 -12.94 -13.26 26.04
C GLY B 110 -11.65 -12.52 25.74
N ASN B 111 -11.70 -11.21 25.91
CA ASN B 111 -10.54 -10.43 25.52
C ASN B 111 -9.48 -10.44 26.62
N LEU B 112 -8.26 -10.08 26.23
CA LEU B 112 -7.10 -10.23 27.12
C LEU B 112 -7.22 -9.36 28.37
N ARG B 113 -7.79 -8.16 28.24
CA ARG B 113 -7.92 -7.28 29.39
C ARG B 113 -8.77 -7.93 30.48
N GLU B 114 -9.95 -8.44 30.10
CA GLU B 114 -10.85 -9.09 31.05
C GLU B 114 -10.21 -10.36 31.62
N TYR B 115 -9.50 -11.09 30.77
CA TYR B 115 -8.85 -12.33 31.17
C TYR B 115 -7.79 -12.08 32.24
N LEU B 116 -6.96 -11.06 32.03
CA LEU B 116 -5.94 -10.74 33.02
C LEU B 116 -6.56 -10.25 34.31
N GLN B 117 -7.63 -9.44 34.21
CA GLN B 117 -8.24 -8.90 35.42
C GLN B 117 -8.91 -9.98 36.25
N ALA B 118 -9.58 -10.94 35.60
CA ALA B 118 -10.22 -12.03 36.33
C ALA B 118 -9.20 -12.93 37.03
N ARG B 119 -7.92 -12.76 36.76
CA ARG B 119 -6.89 -13.66 37.26
C ARG B 119 -5.88 -12.92 38.12
N ARG B 120 -6.29 -11.81 38.68
CA ARG B 120 -5.43 -11.11 39.63
C ARG B 120 -5.39 -11.88 40.95
N PRO B 121 -4.22 -12.07 41.55
CA PRO B 121 -4.14 -12.90 42.74
C PRO B 121 -4.50 -12.12 43.99
N PRO B 122 -4.92 -12.80 45.05
CA PRO B 122 -5.15 -12.10 46.33
C PRO B 122 -3.86 -11.51 46.87
N GLY B 123 -3.97 -10.27 47.38
CA GLY B 123 -2.82 -9.53 47.88
C GLY B 123 -2.54 -8.25 47.13
N LEU B 124 -3.32 -7.19 47.44
CA LEU B 124 -3.35 -5.83 46.89
C LEU B 124 -4.69 -5.52 46.24
N GLU B 125 -5.19 -6.41 45.38
CA GLU B 125 -6.37 -6.10 44.57
C GLU B 125 -7.65 -6.37 45.35
N TYR B 126 -8.75 -5.88 44.79
CA TYR B 126 -10.09 -6.11 45.33
C TYR B 126 -10.44 -7.61 45.26
N SER B 127 -11.44 -8.01 46.04
CA SER B 127 -11.80 -9.42 46.15
C SER B 127 -12.54 -9.91 44.90
N TYR B 128 -12.07 -11.03 44.35
CA TYR B 128 -12.70 -11.74 43.23
C TYR B 128 -13.02 -10.86 42.02
N PRO B 134 -12.69 -16.79 41.52
CA PRO B 134 -11.99 -17.42 40.40
C PRO B 134 -10.49 -17.62 40.70
N GLU B 135 -9.84 -18.59 40.06
CA GLU B 135 -8.44 -18.91 40.39
C GLU B 135 -7.81 -19.70 39.24
N GLU B 136 -7.12 -18.98 38.34
CA GLU B 136 -6.30 -19.58 37.29
C GLU B 136 -5.04 -18.73 37.09
N GLN B 137 -4.36 -18.43 38.20
CA GLN B 137 -3.33 -17.39 38.23
C GLN B 137 -2.27 -17.62 37.16
N LEU B 138 -1.66 -16.53 36.71
CA LEU B 138 -0.67 -16.55 35.66
C LEU B 138 0.72 -16.50 36.28
N SER B 139 1.56 -17.45 35.93
CA SER B 139 2.96 -17.36 36.30
C SER B 139 3.65 -16.27 35.49
N SER B 140 4.83 -15.85 35.96
CA SER B 140 5.64 -14.90 35.20
C SER B 140 5.90 -15.41 33.78
N LYS B 141 6.06 -16.72 33.63
CA LYS B 141 6.27 -17.28 32.29
C LYS B 141 5.01 -17.12 31.43
N ASP B 142 3.84 -17.34 32.03
CA ASP B 142 2.59 -17.15 31.31
C ASP B 142 2.50 -15.73 30.75
N LEU B 143 2.81 -14.75 31.58
CA LEU B 143 2.71 -13.35 31.15
C LEU B 143 3.65 -13.05 29.99
N VAL B 144 4.87 -13.57 30.04
CA VAL B 144 5.78 -13.31 28.92
C VAL B 144 5.34 -14.10 27.69
N SER B 145 4.80 -15.31 27.91
CA SER B 145 4.34 -16.11 26.79
C SER B 145 3.14 -15.44 26.13
N CYS B 146 2.28 -14.82 26.94
CA CYS B 146 1.20 -13.99 26.38
C CYS B 146 1.75 -12.89 25.48
N ALA B 147 2.77 -12.16 25.95
CA ALA B 147 3.39 -11.13 25.12
C ALA B 147 3.99 -11.70 23.85
N TYR B 148 4.62 -12.87 23.94
CA TYR B 148 5.26 -13.49 22.79
C TYR B 148 4.25 -13.84 21.70
N GLN B 149 3.12 -14.41 22.10
CA GLN B 149 2.09 -14.83 21.15
C GLN B 149 1.49 -13.62 20.43
N VAL B 150 1.15 -12.58 21.18
CA VAL B 150 0.67 -11.34 20.59
C VAL B 150 1.68 -10.81 19.57
N ALA B 151 2.95 -10.76 19.96
CA ALA B 151 3.97 -10.28 19.04
C ALA B 151 4.09 -11.20 17.84
N ARG B 152 3.86 -12.50 18.02
CA ARG B 152 3.94 -13.42 16.90
C ARG B 152 2.80 -13.17 15.91
N GLY B 153 1.59 -12.87 16.43
CA GLY B 153 0.50 -12.54 15.53
C GLY B 153 0.74 -11.24 14.79
N MET B 154 1.29 -10.25 15.49
CA MET B 154 1.59 -8.99 14.84
C MET B 154 2.72 -9.13 13.84
N GLU B 155 3.69 -10.00 14.12
CA GLU B 155 4.73 -10.26 13.14
C GLU B 155 4.13 -10.84 11.86
N TYR B 156 3.18 -11.76 12.00
CA TYR B 156 2.54 -12.34 10.83
C TYR B 156 1.72 -11.28 10.08
N LEU B 157 0.93 -10.50 10.82
CA LEU B 157 0.15 -9.46 10.19
C LEU B 157 1.03 -8.49 9.42
N ALA B 158 2.13 -8.03 10.06
CA ALA B 158 3.00 -7.10 9.36
C ALA B 158 3.65 -7.75 8.14
N SER B 159 3.94 -9.05 8.22
CA SER B 159 4.46 -9.74 7.04
C SER B 159 3.47 -9.74 5.90
N LYS B 160 2.17 -9.61 6.19
CA LYS B 160 1.16 -9.49 5.16
C LYS B 160 0.75 -8.05 4.92
N LYS B 161 1.60 -7.09 5.32
CA LYS B 161 1.38 -5.66 5.09
C LYS B 161 0.12 -5.14 5.79
N CYS B 162 -0.33 -5.81 6.84
CA CYS B 162 -1.50 -5.37 7.59
C CYS B 162 -1.03 -4.51 8.76
N ILE B 163 -1.49 -3.27 8.80
CA ILE B 163 -1.28 -2.39 9.94
C ILE B 163 -2.56 -2.41 10.75
N HIS B 164 -2.46 -2.73 12.05
CA HIS B 164 -3.67 -2.91 12.86
C HIS B 164 -4.32 -1.59 13.19
N ARG B 165 -3.53 -0.63 13.70
CA ARG B 165 -3.94 0.72 14.09
C ARG B 165 -4.65 0.79 15.44
N ASP B 166 -5.13 -0.33 15.99
CA ASP B 166 -5.78 -0.25 17.31
C ASP B 166 -5.38 -1.45 18.17
N LEU B 167 -4.10 -1.78 18.17
CA LEU B 167 -3.62 -2.91 18.95
C LEU B 167 -3.75 -2.57 20.43
N ALA B 168 -4.38 -3.46 21.19
CA ALA B 168 -4.65 -3.23 22.60
C ALA B 168 -5.11 -4.55 23.18
N ALA B 169 -4.97 -4.72 24.50
CA ALA B 169 -5.41 -5.98 25.10
C ALA B 169 -6.88 -6.27 24.79
N ARG B 170 -7.69 -5.22 24.66
CA ARG B 170 -9.11 -5.42 24.33
C ARG B 170 -9.30 -6.04 22.96
N ASN B 171 -8.29 -5.95 22.08
CA ASN B 171 -8.37 -6.55 20.75
C ASN B 171 -7.53 -7.82 20.62
N VAL B 172 -7.12 -8.40 21.75
CA VAL B 172 -6.59 -9.75 21.80
C VAL B 172 -7.62 -10.64 22.47
N LEU B 173 -7.92 -11.78 21.86
CA LEU B 173 -8.90 -12.72 22.41
C LEU B 173 -8.20 -14.01 22.80
N VAL B 174 -8.76 -14.71 23.79
CA VAL B 174 -8.11 -15.86 24.41
C VAL B 174 -9.00 -17.09 24.20
N THR B 175 -8.43 -18.14 23.59
CA THR B 175 -9.14 -19.38 23.35
C THR B 175 -9.25 -20.23 24.63
N GLU B 176 -9.93 -21.36 24.48
CA GLU B 176 -10.10 -22.30 25.59
C GLU B 176 -8.74 -22.76 26.12
N ASP B 177 -7.77 -22.91 25.24
CA ASP B 177 -6.44 -23.38 25.60
C ASP B 177 -5.45 -22.24 25.72
N ASN B 178 -5.93 -21.05 26.09
CA ASN B 178 -5.09 -19.91 26.44
C ASN B 178 -4.22 -19.44 25.28
N VAL B 179 -4.67 -19.61 24.05
CA VAL B 179 -3.95 -19.11 22.89
C VAL B 179 -4.38 -17.67 22.63
N MET B 180 -3.42 -16.78 22.46
CA MET B 180 -3.71 -15.38 22.16
C MET B 180 -3.99 -15.20 20.68
N LYS B 181 -5.05 -14.46 20.36
CA LYS B 181 -5.45 -14.25 18.98
C LYS B 181 -5.80 -12.78 18.77
N ILE B 182 -5.07 -12.13 17.88
CA ILE B 182 -5.33 -10.73 17.57
C ILE B 182 -6.65 -10.62 16.80
N ALA B 183 -7.52 -9.71 17.21
CA ALA B 183 -8.81 -9.51 16.58
C ALA B 183 -8.89 -8.15 15.92
N ASP B 184 -9.81 -8.05 14.95
CA ASP B 184 -10.18 -6.78 14.33
C ASP B 184 -9.00 -6.13 13.61
N PHE B 185 -8.09 -6.96 13.09
CA PHE B 185 -7.03 -6.47 12.23
C PHE B 185 -7.53 -6.09 10.84
N GLY B 186 -8.68 -6.62 10.43
CA GLY B 186 -9.21 -6.40 9.10
C GLY B 186 -10.32 -5.38 8.94
N LEU B 187 -10.63 -4.60 9.98
CA LEU B 187 -11.65 -3.56 9.87
C LEU B 187 -11.31 -2.55 8.78
N ALA B 188 -12.35 -2.01 8.14
CA ALA B 188 -12.17 -1.13 6.98
C ALA B 188 -11.69 0.26 7.40
N ILE B 194 -10.09 8.53 14.65
CA ILE B 194 -9.98 9.94 14.34
C ILE B 194 -10.79 10.80 15.32
N ASP B 195 -11.70 10.17 16.08
CA ASP B 195 -12.40 10.88 17.15
C ASP B 195 -11.68 10.58 18.46
N TYR B 196 -10.83 11.53 18.88
CA TYR B 196 -9.96 11.30 20.03
C TYR B 196 -10.70 11.26 21.35
N TYR B 197 -11.98 11.66 21.41
CA TYR B 197 -12.73 11.69 22.65
C TYR B 197 -13.68 10.50 22.81
N LYS B 198 -13.78 9.64 21.80
CA LYS B 198 -14.62 8.47 21.92
C LYS B 198 -13.98 7.48 22.89
N LYS B 199 -14.78 6.97 23.80
CA LYS B 199 -14.32 6.00 24.79
C LYS B 199 -14.67 4.59 24.36
N THR B 200 -13.92 3.62 24.87
CA THR B 200 -14.26 2.22 24.73
C THR B 200 -15.54 1.90 25.51
N THR B 201 -16.12 0.73 25.21
CA THR B 201 -17.27 0.26 25.99
C THR B 201 -16.89 0.09 27.45
N ASN B 202 -15.61 -0.09 27.75
CA ASN B 202 -15.06 -0.17 29.09
C ASN B 202 -14.73 1.20 29.69
N GLY B 203 -14.74 2.26 28.89
CA GLY B 203 -14.60 3.62 29.41
C GLY B 203 -13.24 4.26 29.26
N ARG B 204 -12.32 3.64 28.53
CA ARG B 204 -10.96 4.16 28.35
C ARG B 204 -10.83 4.85 27.00
N LEU B 205 -9.75 5.63 26.86
CA LEU B 205 -9.48 6.39 25.65
C LEU B 205 -8.52 5.66 24.73
N PRO B 206 -8.95 5.18 23.56
CA PRO B 206 -8.02 4.52 22.62
C PRO B 206 -6.82 5.36 22.22
N VAL B 207 -6.88 6.69 22.28
CA VAL B 207 -5.69 7.47 21.94
C VAL B 207 -4.53 7.11 22.85
N LYS B 208 -4.79 6.55 24.03
CA LYS B 208 -3.69 6.22 24.93
C LYS B 208 -2.83 5.07 24.42
N TRP B 209 -3.22 4.42 23.32
CA TRP B 209 -2.40 3.39 22.68
C TRP B 209 -1.72 3.86 21.41
N MET B 210 -2.04 5.07 20.92
CA MET B 210 -1.58 5.51 19.61
C MET B 210 -0.20 6.14 19.67
N ALA B 211 0.64 5.81 18.69
CA ALA B 211 1.96 6.42 18.62
C ALA B 211 1.84 7.93 18.43
N PRO B 212 2.84 8.70 18.87
CA PRO B 212 2.76 10.14 18.64
C PRO B 212 2.68 10.49 17.16
N GLU B 213 3.48 9.84 16.30
CA GLU B 213 3.41 10.19 14.89
C GLU B 213 2.04 9.90 14.30
N ALA B 214 1.35 8.89 14.80
CA ALA B 214 -0.01 8.63 14.33
C ALA B 214 -0.98 9.65 14.88
N LEU B 215 -0.80 10.01 16.15
CA LEU B 215 -1.73 10.93 16.81
C LEU B 215 -1.61 12.33 16.24
N PHE B 216 -0.37 12.82 16.07
CA PHE B 216 -0.12 14.19 15.66
C PHE B 216 0.06 14.34 14.15
N ASP B 217 0.73 13.40 13.49
CA ASP B 217 1.05 13.53 12.09
C ASP B 217 0.26 12.58 11.19
N ARG B 218 -0.69 11.82 11.75
CA ARG B 218 -1.51 10.86 10.98
C ARG B 218 -0.67 9.91 10.13
N ILE B 219 0.50 9.54 10.66
CA ILE B 219 1.35 8.54 10.03
C ILE B 219 1.02 7.18 10.66
N TYR B 220 0.79 6.16 9.83
CA TYR B 220 0.46 4.84 10.33
C TYR B 220 1.38 3.81 9.69
N THR B 221 2.16 3.12 10.51
CA THR B 221 3.11 2.13 10.03
C THR B 221 3.09 0.93 10.95
N HIS B 222 3.89 -0.08 10.61
CA HIS B 222 4.10 -1.17 11.54
C HIS B 222 4.79 -0.67 12.81
N GLN B 223 5.59 0.41 12.69
CA GLN B 223 6.30 0.97 13.84
C GLN B 223 5.37 1.74 14.77
N SER B 224 4.28 2.31 14.25
CA SER B 224 3.31 2.87 15.16
C SER B 224 2.53 1.78 15.87
N ASP B 225 2.34 0.63 15.21
CA ASP B 225 1.76 -0.52 15.89
C ASP B 225 2.66 -0.99 17.01
N VAL B 226 3.98 -0.89 16.79
CA VAL B 226 4.96 -1.29 17.81
C VAL B 226 4.80 -0.46 19.08
N TRP B 227 4.58 0.85 18.93
CA TRP B 227 4.29 1.69 20.09
C TRP B 227 3.07 1.15 20.85
N SER B 228 2.01 0.83 20.11
CA SER B 228 0.80 0.24 20.69
C SER B 228 1.12 -1.06 21.42
N PHE B 229 1.93 -1.91 20.80
CA PHE B 229 2.38 -3.13 21.47
C PHE B 229 3.10 -2.80 22.77
N GLY B 230 3.82 -1.68 22.80
CA GLY B 230 4.42 -1.24 24.04
C GLY B 230 3.39 -0.98 25.12
N VAL B 231 2.29 -0.29 24.76
CA VAL B 231 1.25 -0.07 25.76
C VAL B 231 0.60 -1.39 26.15
N LEU B 232 0.48 -2.33 25.20
CA LEU B 232 -0.10 -3.63 25.49
C LEU B 232 0.75 -4.43 26.47
N LEU B 233 2.09 -4.39 26.30
CA LEU B 233 2.99 -5.01 27.27
C LEU B 233 2.73 -4.47 28.66
N TRP B 234 2.61 -3.15 28.78
CA TRP B 234 2.28 -2.54 30.05
C TRP B 234 0.97 -3.06 30.61
N GLU B 235 -0.05 -3.22 29.75
CA GLU B 235 -1.31 -3.83 30.17
C GLU B 235 -1.10 -5.26 30.69
N ILE B 236 -0.26 -6.03 30.01
CA ILE B 236 -0.03 -7.41 30.44
C ILE B 236 0.56 -7.42 31.85
N PHE B 237 1.61 -6.64 32.07
CA PHE B 237 2.30 -6.75 33.36
C PHE B 237 1.65 -5.94 34.47
N THR B 238 0.66 -5.12 34.19
CA THR B 238 -0.21 -4.59 35.23
C THR B 238 -1.46 -5.43 35.39
N LEU B 239 -1.52 -6.56 34.68
CA LEU B 239 -2.65 -7.49 34.75
C LEU B 239 -3.96 -6.78 34.40
N GLY B 240 -3.94 -6.06 33.28
CA GLY B 240 -5.13 -5.40 32.79
C GLY B 240 -5.32 -4.03 33.37
N GLY B 241 -4.24 -3.34 33.74
CA GLY B 241 -4.34 -2.01 34.27
C GLY B 241 -4.72 -1.01 33.20
N SER B 242 -5.22 0.12 33.64
CA SER B 242 -5.69 1.16 32.75
C SER B 242 -4.57 2.17 32.51
N PRO B 243 -4.11 2.35 31.28
CA PRO B 243 -3.03 3.33 31.04
C PRO B 243 -3.50 4.75 31.35
N TYR B 244 -2.65 5.49 32.05
CA TYR B 244 -2.91 6.90 32.35
C TYR B 244 -4.28 7.12 32.98
N PRO B 245 -4.59 6.46 34.10
CA PRO B 245 -5.95 6.54 34.63
C PRO B 245 -6.26 7.97 35.04
N GLY B 246 -7.40 8.47 34.56
CA GLY B 246 -7.86 9.81 34.86
C GLY B 246 -7.23 10.93 34.04
N VAL B 247 -6.52 10.62 32.97
CA VAL B 247 -5.86 11.61 32.14
C VAL B 247 -6.73 11.84 30.90
N PRO B 248 -7.28 13.03 30.69
CA PRO B 248 -8.08 13.28 29.49
C PRO B 248 -7.17 13.53 28.30
N VAL B 249 -7.77 13.64 27.11
CA VAL B 249 -6.95 13.60 25.90
C VAL B 249 -6.05 14.83 25.77
N GLU B 250 -6.50 16.01 26.22
CA GLU B 250 -5.64 17.19 26.12
C GLU B 250 -4.41 17.03 27.00
N GLU B 251 -4.61 16.54 28.22
CA GLU B 251 -3.47 16.30 29.11
C GLU B 251 -2.56 15.20 28.57
N LEU B 252 -3.15 14.19 27.93
CA LEU B 252 -2.32 13.13 27.37
C LEU B 252 -1.41 13.68 26.27
N PHE B 253 -1.95 14.53 25.40
CA PHE B 253 -1.11 15.19 24.39
C PHE B 253 0.03 15.93 25.06
N LYS B 254 -0.28 16.69 26.11
CA LYS B 254 0.77 17.42 26.83
C LYS B 254 1.82 16.47 27.38
N LEU B 255 1.39 15.38 28.03
CA LEU B 255 2.34 14.38 28.52
C LEU B 255 3.22 13.87 27.39
N LEU B 256 2.61 13.50 26.26
CA LEU B 256 3.40 12.95 25.17
C LEU B 256 4.35 14.01 24.61
N LYS B 257 3.85 15.20 24.29
CA LYS B 257 4.73 16.26 23.79
C LYS B 257 5.86 16.55 24.76
N GLU B 258 5.64 16.34 26.07
CA GLU B 258 6.70 16.50 27.04
C GLU B 258 7.64 15.31 27.14
N GLY B 259 7.38 14.22 26.42
CA GLY B 259 8.24 13.04 26.49
C GLY B 259 7.96 12.11 27.64
N HIS B 260 6.88 12.33 28.39
CA HIS B 260 6.53 11.48 29.50
C HIS B 260 6.27 10.05 29.03
N ARG B 261 6.65 9.10 29.88
CA ARG B 261 6.42 7.67 29.64
C ARG B 261 5.81 7.06 30.89
N MET B 262 5.07 5.96 30.72
CA MET B 262 4.47 5.33 31.89
C MET B 262 5.53 4.71 32.78
N ASP B 263 5.26 4.73 34.09
CA ASP B 263 6.13 4.08 35.07
C ASP B 263 6.22 2.58 34.82
N LYS B 264 7.30 2.00 35.31
CA LYS B 264 7.48 0.56 35.30
C LYS B 264 6.51 -0.10 36.28
N PRO B 265 5.74 -1.10 35.86
CA PRO B 265 4.90 -1.83 36.82
C PRO B 265 5.77 -2.60 37.80
N SER B 266 5.19 -2.87 38.96
CA SER B 266 5.80 -3.84 39.86
C SER B 266 5.70 -5.22 39.24
N ASN B 267 6.51 -6.15 39.74
CA ASN B 267 6.58 -7.49 39.18
C ASN B 267 6.79 -7.41 37.67
N CYS B 268 7.85 -6.71 37.30
CA CYS B 268 8.20 -6.49 35.92
C CYS B 268 9.69 -6.28 35.86
N THR B 269 10.38 -7.05 35.04
CA THR B 269 11.83 -6.94 35.05
C THR B 269 12.27 -5.67 34.35
N ASN B 270 13.49 -5.24 34.66
CA ASN B 270 14.05 -4.10 33.94
C ASN B 270 14.16 -4.39 32.45
N GLU B 271 14.36 -5.65 32.09
CA GLU B 271 14.47 -6.02 30.68
C GLU B 271 13.14 -5.81 29.96
N LEU B 272 12.05 -6.27 30.56
CA LEU B 272 10.74 -6.08 29.95
C LEU B 272 10.37 -4.60 29.90
N TYR B 273 10.78 -3.84 30.92
CA TYR B 273 10.45 -2.43 30.94
C TYR B 273 11.26 -1.67 29.89
N MET B 274 12.53 -2.02 29.70
CA MET B 274 13.30 -1.39 28.63
C MET B 274 12.70 -1.71 27.26
N MET B 275 12.11 -2.90 27.11
CA MET B 275 11.41 -3.22 25.87
C MET B 275 10.21 -2.31 25.65
N MET B 276 9.42 -2.06 26.70
CA MET B 276 8.35 -1.08 26.59
C MET B 276 8.91 0.26 26.18
N ARG B 277 9.95 0.73 26.88
CA ARG B 277 10.53 2.02 26.57
C ARG B 277 11.10 2.03 25.15
N ASP B 278 11.69 0.92 24.72
CA ASP B 278 12.13 0.81 23.31
C ASP B 278 10.95 0.97 22.35
N CYS B 279 9.86 0.24 22.61
CA CYS B 279 8.65 0.42 21.79
C CYS B 279 8.17 1.85 21.81
N TRP B 280 8.47 2.58 22.88
CA TRP B 280 8.03 3.96 23.01
C TRP B 280 9.11 4.97 22.57
N HIS B 281 10.06 4.56 21.74
CA HIS B 281 11.02 5.53 21.22
C HIS B 281 10.32 6.59 20.39
N ALA B 282 10.71 7.85 20.56
CA ALA B 282 10.07 8.94 19.82
C ALA B 282 10.34 8.87 18.32
N VAL B 283 11.44 8.26 17.90
CA VAL B 283 11.81 8.12 16.49
C VAL B 283 11.36 6.74 16.03
N PRO B 284 10.36 6.64 15.15
CA PRO B 284 9.82 5.30 14.81
C PRO B 284 10.87 4.30 14.35
N SER B 285 11.88 4.74 13.59
CA SER B 285 12.84 3.78 13.04
C SER B 285 13.75 3.20 14.11
N GLN B 286 13.82 3.82 15.29
CA GLN B 286 14.64 3.31 16.39
C GLN B 286 13.89 2.32 17.28
N ARG B 287 12.55 2.23 17.16
CA ARG B 287 11.80 1.21 17.86
C ARG B 287 12.16 -0.18 17.30
N PRO B 288 12.03 -1.23 18.11
CA PRO B 288 12.19 -2.58 17.57
C PRO B 288 11.12 -2.84 16.51
N THR B 289 11.42 -3.76 15.59
CA THR B 289 10.38 -4.33 14.74
C THR B 289 9.71 -5.49 15.48
N PHE B 290 8.57 -5.94 14.93
CA PHE B 290 7.91 -7.11 15.52
C PHE B 290 8.76 -8.35 15.36
N LYS B 291 9.48 -8.49 14.23
CA LYS B 291 10.47 -9.55 14.11
C LYS B 291 11.45 -9.52 15.28
N GLN B 292 12.07 -8.37 15.53
CA GLN B 292 13.01 -8.26 16.65
C GLN B 292 12.32 -8.54 17.99
N LEU B 293 11.12 -7.97 18.18
CA LEU B 293 10.37 -8.22 19.41
C LEU B 293 10.08 -9.69 19.60
N VAL B 294 9.75 -10.40 18.52
CA VAL B 294 9.48 -11.83 18.64
C VAL B 294 10.75 -12.57 19.03
N GLU B 295 11.89 -12.22 18.40
CA GLU B 295 13.18 -12.82 18.74
C GLU B 295 13.51 -12.57 20.22
N ASP B 296 13.43 -11.32 20.66
CA ASP B 296 13.72 -11.02 22.06
C ASP B 296 12.77 -11.77 22.99
N LEU B 297 11.47 -11.69 22.72
CA LEU B 297 10.51 -12.34 23.61
C LEU B 297 10.69 -13.85 23.64
N ASP B 298 11.04 -14.46 22.50
CA ASP B 298 11.35 -15.89 22.50
C ASP B 298 12.46 -16.19 23.50
N ARG B 299 13.53 -15.39 23.47
CA ARG B 299 14.65 -15.60 24.38
C ARG B 299 14.24 -15.43 25.83
N ILE B 300 13.39 -14.44 26.13
CA ILE B 300 13.06 -14.15 27.52
C ILE B 300 12.14 -15.24 28.09
N VAL B 301 11.24 -15.77 27.26
CA VAL B 301 10.36 -16.84 27.73
C VAL B 301 11.18 -18.03 28.19
N ALA B 302 12.21 -18.40 27.43
CA ALA B 302 13.02 -19.55 27.80
C ALA B 302 13.72 -19.32 29.13
N LEU B 303 14.12 -18.07 29.41
CA LEU B 303 14.89 -17.71 30.60
C LEU B 303 14.01 -17.22 31.75
N THR B 304 12.71 -17.48 31.70
CA THR B 304 11.82 -17.00 32.77
C THR B 304 11.35 -18.15 33.63
C10 AXU C . -2.41 3.89 -20.77
N12 AXU C . -2.78 3.24 -19.65
C20 AXU C . -2.97 9.06 -22.98
C21 AXU C . -2.67 10.28 -23.54
C22 AXU C . -1.66 11.08 -23.01
C24 AXU C . -1.22 9.43 -21.35
C26 AXU C . 0.64 7.05 -23.28
C28 AXU C . 0.08 5.65 -26.27
C01 AXU C . 0.42 4.88 -28.68
C02 AXU C . -0.40 4.98 -27.41
C03 AXU C . -1.66 4.37 -27.42
C04 AXU C . -2.44 4.42 -26.26
C05 AXU C . -1.96 5.10 -25.13
C07 AXU C . -1.73 5.97 -23.08
C08 AXU C . -2.15 6.27 -21.79
C09 AXU C . -2.48 5.30 -20.82
C14 AXU C . -3.28 5.27 -18.56
C16 AXU C . -2.90 5.98 -19.71
C19 AXU C . -2.24 8.65 -21.87
C23 AXU C . -0.92 10.65 -21.92
C25 AXU C . -0.56 6.27 -23.79
C27 AXU C . -0.72 5.70 -25.10
N11 AXU C . -1.95 3.17 -21.90
N13 AXU C . -3.19 3.92 -18.56
N17 AXU C . -2.86 7.32 -20.01
N18 AXU C . -2.44 7.47 -21.27
O06 AXU C . -2.54 5.27 -23.90
O15 AXU C . -3.65 5.88 -17.57
C10 AXU D . -14.78 -13.87 19.16
N12 AXU D . -14.43 -14.77 20.10
C20 AXU D . -17.75 -9.00 18.89
C21 AXU D . -18.08 -7.66 18.68
C22 AXU D . -17.25 -6.65 19.12
C24 AXU D . -15.74 -8.28 20.00
C26 AXU D . -13.85 -9.67 16.92
C28 AXU D . -15.20 -10.49 14.00
C01 AXU D . -15.59 -10.57 11.47
C02 AXU D . -15.93 -10.99 12.90
C03 AXU D . -16.99 -11.86 13.08
C04 AXU D . -17.34 -12.26 14.37
C05 AXU D . -16.60 -11.78 15.48
C07 AXU D . -15.79 -11.31 17.52
C08 AXU D . -15.74 -11.43 18.91
C09 AXU D . -15.30 -12.59 19.57
C14 AXU D . -15.07 -13.31 21.85
C16 AXU D . -15.44 -12.31 20.91
C19 AXU D . -16.57 -9.30 19.56
C23 AXU D . -16.07 -6.95 19.79
C25 AXU D . -15.02 -10.59 16.62
C27 AXU D . -15.56 -10.90 15.31
N11 AXU D . -14.61 -14.18 17.80
N13 AXU D . -14.58 -14.47 21.41
N17 AXU D . -15.94 -11.04 21.04
N18 AXU D . -16.14 -10.54 19.82
O06 AXU D . -16.74 -12.01 16.83
O15 AXU D . -15.17 -13.08 23.05
#